data_7PZW
#
_entry.id   7PZW
#
_cell.length_a   35.432
_cell.length_b   66.593
_cell.length_c   62.884
_cell.angle_alpha   90.00
_cell.angle_beta   91.24
_cell.angle_gamma   90.00
#
_symmetry.space_group_name_H-M   'P 1 21 1'
#
loop_
_entity.id
_entity.type
_entity.pdbx_description
1 polymer 'UDP-3-O-acyl-N-acetylglucosamine deacetylase'
2 non-polymer 'ZINC ION'
3 non-polymer (4S)-N-((3R,5R)-1-(cyclopropanecarbonyl)-5-((5-(phenylethynyl)thiophene-2-carboxamido)methyl)pyrrolidin-3-yl)-4-fluoropyrrolidine-2-carboxamide
4 water water
#
_entity_poly.entity_id   1
_entity_poly.type   'polypeptide(L)'
_entity_poly.pdbx_seq_one_letter_code
;HHHHHHENLYFQSMIKQRTLKNIIRATGVGLHSGEKVYLTLKPAPVDTGIVFSRTDLDPVVEIPARAENVGETTMSTTLV
KGDVKVDTVEHLLSAMAGLGIDNAYVELSASEVPIMDGSAGPFVFLIQSAGLQEQEAAKKFIRIKREVSVEEGDKRAVFV
PFDGFKVSFEIDFDHPVFRGRTQQASVDFSSTSFVKEVSRARTFGFMRDIEYLRSQNLALGGSVENAIVVDENRVLNEDG
LRYEDEFVKHKILDAIGDLYLLGNSLIGEFRGFKSGHALNNQLLRTLIADKDAWEVVTFEDARTAPISYMRP
;
_entity_poly.pdbx_strand_id   A
#
# COMPACT_ATOMS: atom_id res chain seq x y z
N SER A 13 3.14 5.62 28.76
CA SER A 13 2.43 4.65 27.88
C SER A 13 1.98 5.33 26.58
N MET A 14 2.54 6.50 26.25
CA MET A 14 2.20 7.31 25.05
C MET A 14 2.42 6.47 23.78
N ILE A 15 1.52 6.50 22.81
CA ILE A 15 1.81 5.88 21.48
C ILE A 15 2.80 6.79 20.77
N LYS A 16 3.99 6.26 20.46
CA LYS A 16 5.14 7.02 19.93
C LYS A 16 5.31 6.70 18.44
N GLN A 17 5.90 7.65 17.70
CA GLN A 17 6.31 7.47 16.30
C GLN A 17 7.34 6.34 16.27
N ARG A 18 7.43 5.66 15.14
CA ARG A 18 8.39 4.56 14.94
C ARG A 18 9.17 4.76 13.67
N THR A 19 10.40 4.29 13.71
CA THR A 19 11.31 4.23 12.54
C THR A 19 12.01 2.88 12.58
N LEU A 20 12.94 2.68 11.66
CA LEU A 20 13.80 1.47 11.59
C LEU A 20 14.95 1.64 12.58
N LYS A 21 15.36 0.54 13.18
CA LYS A 21 16.54 0.46 14.06
C LYS A 21 17.80 0.43 13.19
N ASN A 22 17.75 -0.23 12.03
CA ASN A 22 18.90 -0.46 11.11
C ASN A 22 18.50 -0.12 9.68
N ILE A 23 19.49 0.11 8.82
CA ILE A 23 19.26 0.17 7.34
C ILE A 23 19.03 -1.25 6.83
N ILE A 24 18.27 -1.38 5.74
CA ILE A 24 17.86 -2.63 5.07
C ILE A 24 18.16 -2.48 3.59
N ARG A 25 18.75 -3.48 2.95
CA ARG A 25 18.98 -3.46 1.48
C ARG A 25 18.21 -4.60 0.84
N ALA A 26 17.72 -4.42 -0.38
CA ALA A 26 17.12 -5.52 -1.15
C ALA A 26 17.18 -5.21 -2.64
N THR A 27 17.08 -6.26 -3.44
CA THR A 27 17.21 -6.17 -4.92
C THR A 27 15.94 -6.73 -5.54
N GLY A 28 15.48 -6.16 -6.65
CA GLY A 28 14.39 -6.80 -7.39
C GLY A 28 14.20 -6.21 -8.75
N VAL A 29 13.04 -6.46 -9.35
CA VAL A 29 12.61 -5.96 -10.69
C VAL A 29 11.31 -5.16 -10.55
N GLY A 30 11.22 -4.00 -11.19
CA GLY A 30 9.94 -3.26 -11.32
C GLY A 30 8.97 -4.06 -12.16
N LEU A 31 7.74 -4.23 -11.69
CA LEU A 31 6.70 -5.02 -12.37
C LEU A 31 6.47 -4.46 -13.78
N HIS A 32 6.47 -3.15 -13.93
CA HIS A 32 6.08 -2.45 -15.18
C HIS A 32 7.28 -2.20 -16.08
N SER A 33 8.37 -1.71 -15.48
CA SER A 33 9.60 -1.28 -16.18
C SER A 33 10.46 -2.50 -16.54
N GLY A 34 10.33 -3.60 -15.78
CA GLY A 34 11.26 -4.75 -15.84
C GLY A 34 12.71 -4.37 -15.52
N GLU A 35 12.97 -3.21 -14.92
CA GLU A 35 14.35 -2.78 -14.58
C GLU A 35 14.76 -3.39 -13.24
N LYS A 36 15.99 -3.91 -13.16
CA LYS A 36 16.63 -4.26 -11.87
C LYS A 36 16.71 -2.99 -11.01
N VAL A 37 16.35 -3.12 -9.73
CA VAL A 37 16.39 -1.98 -8.78
C VAL A 37 17.00 -2.46 -7.45
N TYR A 38 17.83 -1.60 -6.87
CA TYR A 38 18.41 -1.75 -5.52
C TYR A 38 17.63 -0.80 -4.61
N LEU A 39 17.07 -1.36 -3.54
CA LEU A 39 16.24 -0.62 -2.57
C LEU A 39 16.98 -0.61 -1.23
N THR A 40 17.06 0.56 -0.60
CA THR A 40 17.55 0.72 0.79
C THR A 40 16.48 1.45 1.62
N LEU A 41 16.07 0.86 2.75
CA LEU A 41 15.19 1.51 3.75
C LEU A 41 16.08 2.01 4.88
N LYS A 42 15.91 3.27 5.25
CA LYS A 42 16.75 3.96 6.25
C LYS A 42 15.86 4.60 7.31
N PRO A 43 16.30 4.51 8.58
CA PRO A 43 15.69 5.29 9.65
C PRO A 43 15.61 6.75 9.21
N ALA A 44 14.59 7.44 9.71
CA ALA A 44 14.33 8.87 9.50
C ALA A 44 13.99 9.51 10.85
N PRO A 45 14.20 10.84 10.98
CA PRO A 45 13.74 11.58 12.15
C PRO A 45 12.22 11.72 12.32
N VAL A 46 11.82 11.99 13.57
CA VAL A 46 10.43 12.39 13.96
C VAL A 46 9.83 13.33 12.91
N ASP A 47 8.57 13.09 12.54
CA ASP A 47 7.74 13.98 11.68
C ASP A 47 8.32 14.04 10.26
N THR A 48 9.07 13.03 9.84
CA THR A 48 9.54 12.93 8.44
C THR A 48 8.44 12.35 7.57
N GLY A 49 7.83 11.27 8.01
CA GLY A 49 6.94 10.47 7.16
C GLY A 49 7.74 9.51 6.30
N ILE A 50 7.11 8.97 5.26
CA ILE A 50 7.78 8.06 4.30
C ILE A 50 8.18 8.92 3.11
N VAL A 51 9.48 8.88 2.76
CA VAL A 51 10.08 9.72 1.68
C VAL A 51 10.86 8.79 0.75
N PHE A 52 10.45 8.77 -0.53
CA PHE A 52 11.14 8.04 -1.61
C PHE A 52 12.21 8.96 -2.18
N SER A 53 13.30 8.36 -2.65
CA SER A 53 14.59 9.04 -2.96
C SER A 53 15.20 8.36 -4.18
N ARG A 54 15.23 9.02 -5.32
CA ARG A 54 15.84 8.48 -6.56
C ARG A 54 17.35 8.76 -6.52
N THR A 55 18.15 7.80 -6.03
CA THR A 55 19.60 8.01 -5.80
C THR A 55 20.38 7.73 -7.09
N ASP A 56 19.70 7.30 -8.16
CA ASP A 56 20.31 7.16 -9.51
C ASP A 56 20.45 8.53 -10.17
N LEU A 57 19.80 9.58 -9.66
CA LEU A 57 19.78 10.92 -10.29
C LEU A 57 20.74 11.86 -9.56
N ASP A 58 21.17 12.93 -10.25
CA ASP A 58 22.08 13.99 -9.72
C ASP A 58 21.59 15.32 -10.27
N PRO A 59 20.99 16.19 -9.42
CA PRO A 59 20.86 15.95 -7.99
C PRO A 59 19.77 14.92 -7.67
N VAL A 60 19.90 14.30 -6.49
CA VAL A 60 18.95 13.30 -5.93
C VAL A 60 17.57 13.94 -5.79
N VAL A 61 16.53 13.24 -6.21
CA VAL A 61 15.13 13.75 -6.17
C VAL A 61 14.36 12.96 -5.10
N GLU A 62 13.78 13.66 -4.12
CA GLU A 62 13.01 13.06 -3.00
C GLU A 62 11.54 13.43 -3.14
N ILE A 63 10.66 12.44 -3.05
CA ILE A 63 9.17 12.63 -3.13
C ILE A 63 8.56 12.06 -1.86
N PRO A 64 8.06 12.93 -0.96
CA PRO A 64 7.26 12.47 0.16
C PRO A 64 6.09 11.62 -0.36
N ALA A 65 5.87 10.47 0.29
CA ALA A 65 4.71 9.57 0.04
C ALA A 65 3.46 10.22 0.64
N ARG A 66 2.82 11.09 -0.15
CA ARG A 66 1.68 11.93 0.27
C ARG A 66 0.71 12.09 -0.92
N ALA A 67 -0.58 12.25 -0.65
CA ALA A 67 -1.67 12.22 -1.66
C ALA A 67 -1.44 13.29 -2.72
N GLU A 68 -1.00 14.49 -2.30
CA GLU A 68 -0.63 15.63 -3.17
C GLU A 68 0.43 15.25 -4.23
N ASN A 69 1.25 14.22 -4.03
CA ASN A 69 2.39 13.87 -4.95
C ASN A 69 2.01 12.71 -5.86
N VAL A 70 0.75 12.24 -5.83
CA VAL A 70 0.33 11.09 -6.69
C VAL A 70 0.13 11.58 -8.14
N GLY A 71 0.70 10.88 -9.12
CA GLY A 71 0.54 11.17 -10.57
C GLY A 71 -0.60 10.38 -11.17
N GLU A 72 -0.44 9.80 -12.36
CA GLU A 72 -1.44 8.89 -13.01
C GLU A 72 -1.65 7.67 -12.10
N THR A 73 -2.80 7.04 -12.17
CA THR A 73 -3.20 5.96 -11.24
C THR A 73 -3.84 4.83 -12.06
N THR A 74 -3.25 4.49 -13.20
CA THR A 74 -3.77 3.38 -14.05
C THR A 74 -3.38 2.05 -13.39
N MET A 75 -2.15 1.59 -13.57
CA MET A 75 -1.79 0.18 -13.26
C MET A 75 -0.89 0.12 -12.02
N SER A 76 -0.82 1.19 -11.22
CA SER A 76 -0.09 1.23 -9.93
C SER A 76 -0.21 2.64 -9.35
N THR A 77 0.16 2.81 -8.09
CA THR A 77 0.21 4.15 -7.47
C THR A 77 1.58 4.76 -7.72
N THR A 78 1.62 5.90 -8.41
CA THR A 78 2.89 6.56 -8.84
C THR A 78 3.01 7.91 -8.15
N LEU A 79 4.14 8.17 -7.52
CA LEU A 79 4.54 9.51 -7.02
C LEU A 79 5.30 10.26 -8.11
N VAL A 80 5.06 11.56 -8.24
CA VAL A 80 5.62 12.40 -9.35
C VAL A 80 6.07 13.73 -8.76
N LYS A 81 7.20 14.25 -9.25
CA LYS A 81 7.73 15.58 -8.88
C LYS A 81 8.49 16.10 -10.10
N GLY A 82 7.93 17.11 -10.76
CA GLY A 82 8.31 17.47 -12.14
C GLY A 82 8.17 16.25 -13.02
N ASP A 83 9.24 15.87 -13.72
CA ASP A 83 9.24 14.75 -14.71
C ASP A 83 9.93 13.52 -14.10
N VAL A 84 10.27 13.55 -12.80
CA VAL A 84 10.75 12.38 -12.04
C VAL A 84 9.54 11.65 -11.43
N LYS A 85 9.48 10.32 -11.58
CA LYS A 85 8.45 9.47 -10.94
C LYS A 85 9.10 8.37 -10.08
N VAL A 86 8.34 7.90 -9.11
CA VAL A 86 8.57 6.60 -8.41
C VAL A 86 7.32 5.74 -8.62
N ASP A 87 7.41 4.63 -9.35
CA ASP A 87 6.25 3.76 -9.71
C ASP A 87 6.05 2.65 -8.64
N THR A 88 4.79 2.26 -8.44
CA THR A 88 4.35 1.03 -7.72
C THR A 88 4.83 1.09 -6.26
N VAL A 89 4.41 2.12 -5.53
CA VAL A 89 4.74 2.33 -4.09
C VAL A 89 3.79 1.53 -3.17
N GLU A 90 2.63 1.12 -3.66
CA GLU A 90 1.47 0.69 -2.83
C GLU A 90 1.84 -0.51 -1.95
N HIS A 91 2.61 -1.49 -2.42
CA HIS A 91 2.88 -2.73 -1.63
C HIS A 91 3.86 -2.44 -0.50
N LEU A 92 4.87 -1.61 -0.76
CA LEU A 92 5.88 -1.26 0.27
C LEU A 92 5.21 -0.33 1.29
N LEU A 93 4.39 0.61 0.82
CA LEU A 93 3.62 1.50 1.74
C LEU A 93 2.67 0.65 2.58
N SER A 94 2.09 -0.39 1.98
CA SER A 94 1.23 -1.34 2.72
C SER A 94 1.99 -1.96 3.91
N ALA A 95 3.21 -2.45 3.66
CA ALA A 95 4.11 -3.13 4.62
C ALA A 95 4.44 -2.17 5.76
N MET A 96 4.80 -0.94 5.41
CA MET A 96 5.11 0.15 6.37
C MET A 96 3.90 0.35 7.29
N ALA A 97 2.71 0.51 6.71
CA ALA A 97 1.43 0.67 7.44
C ALA A 97 1.24 -0.53 8.36
N GLY A 98 1.47 -1.74 7.87
CA GLY A 98 1.19 -2.98 8.63
C GLY A 98 2.05 -3.09 9.88
N LEU A 99 3.22 -2.44 9.92
CA LEU A 99 4.15 -2.57 11.07
C LEU A 99 4.20 -1.26 11.85
N GLY A 100 3.42 -0.28 11.43
CA GLY A 100 3.25 0.99 12.13
C GLY A 100 4.45 1.91 11.98
N ILE A 101 5.17 1.86 10.86
CA ILE A 101 6.33 2.78 10.61
C ILE A 101 5.85 4.15 10.11
N ASP A 102 6.24 5.17 10.86
CA ASP A 102 5.88 6.59 10.63
C ASP A 102 6.93 7.31 9.79
N ASN A 103 8.22 7.05 10.04
CA ASN A 103 9.36 7.81 9.48
C ASN A 103 10.38 6.83 8.88
N ALA A 104 10.67 6.96 7.58
CA ALA A 104 11.67 6.16 6.87
C ALA A 104 12.02 6.83 5.54
N TYR A 105 13.32 6.76 5.15
CA TYR A 105 13.80 7.08 3.78
C TYR A 105 13.81 5.76 3.01
N VAL A 106 13.30 5.81 1.79
CA VAL A 106 13.28 4.66 0.83
C VAL A 106 14.13 5.09 -0.36
N GLU A 107 15.36 4.58 -0.44
CA GLU A 107 16.30 4.84 -1.56
C GLU A 107 16.03 3.83 -2.67
N LEU A 108 15.87 4.31 -3.92
CA LEU A 108 15.73 3.48 -5.15
C LEU A 108 16.82 3.87 -6.15
N SER A 109 17.36 2.87 -6.85
CA SER A 109 18.36 3.06 -7.92
C SER A 109 17.67 3.23 -9.27
N ALA A 110 16.33 3.25 -9.31
CA ALA A 110 15.54 3.37 -10.55
C ALA A 110 14.10 3.83 -10.22
N SER A 111 13.30 4.01 -11.25
CA SER A 111 11.99 4.71 -11.19
C SER A 111 10.92 3.86 -10.48
N GLU A 112 11.11 2.56 -10.31
CA GLU A 112 10.05 1.66 -9.79
C GLU A 112 10.53 0.91 -8.54
N VAL A 113 9.68 0.81 -7.53
CA VAL A 113 9.89 -0.10 -6.35
C VAL A 113 9.91 -1.53 -6.91
N PRO A 114 10.80 -2.42 -6.43
CA PRO A 114 10.81 -3.80 -6.90
C PRO A 114 9.53 -4.52 -6.44
N ILE A 115 8.99 -5.33 -7.35
CA ILE A 115 7.78 -6.17 -7.12
C ILE A 115 8.06 -7.29 -6.13
N MET A 116 9.30 -7.79 -6.02
CA MET A 116 9.60 -8.95 -5.13
C MET A 116 8.77 -10.18 -5.56
N ASP A 117 7.93 -10.77 -4.68
CA ASP A 117 7.06 -11.93 -5.00
C ASP A 117 5.61 -11.50 -5.38
N GLY A 118 5.32 -10.21 -5.52
CA GLY A 118 3.97 -9.68 -5.85
C GLY A 118 3.19 -9.23 -4.61
N SER A 119 3.73 -9.48 -3.43
CA SER A 119 3.08 -9.25 -2.13
C SER A 119 3.93 -8.30 -1.29
N ALA A 120 3.46 -8.03 -0.07
CA ALA A 120 4.13 -7.18 0.93
C ALA A 120 4.97 -8.05 1.87
N GLY A 121 4.90 -9.39 1.75
CA GLY A 121 5.56 -10.31 2.69
C GLY A 121 7.07 -10.05 2.79
N PRO A 122 7.81 -10.04 1.65
CA PRO A 122 9.24 -9.76 1.69
C PRO A 122 9.57 -8.40 2.36
N PHE A 123 8.73 -7.39 2.14
CA PHE A 123 8.94 -6.06 2.75
C PHE A 123 8.71 -6.16 4.26
N VAL A 124 7.72 -6.95 4.70
CA VAL A 124 7.38 -6.99 6.15
C VAL A 124 8.52 -7.75 6.85
N PHE A 125 9.06 -8.77 6.21
CA PHE A 125 10.24 -9.52 6.72
C PHE A 125 11.45 -8.58 6.78
N LEU A 126 11.75 -7.86 5.70
CA LEU A 126 12.88 -6.90 5.64
C LEU A 126 12.78 -5.87 6.78
N ILE A 127 11.60 -5.33 7.03
CA ILE A 127 11.43 -4.25 8.03
C ILE A 127 11.62 -4.86 9.43
N GLN A 128 11.05 -6.04 9.66
CA GLN A 128 11.10 -6.65 11.01
C GLN A 128 12.53 -7.16 11.28
N SER A 129 13.19 -7.72 10.26
CA SER A 129 14.65 -8.02 10.27
C SER A 129 15.47 -6.80 10.72
N ALA A 130 15.17 -5.63 10.18
CA ALA A 130 15.89 -4.39 10.54
C ALA A 130 15.60 -4.01 11.99
N GLY A 131 14.42 -4.39 12.52
CA GLY A 131 13.94 -3.95 13.84
C GLY A 131 13.35 -2.55 13.81
N LEU A 132 12.43 -2.27 14.73
CA LEU A 132 11.76 -0.96 14.88
C LEU A 132 12.34 -0.18 16.08
N GLN A 133 12.45 1.14 15.93
CA GLN A 133 12.92 2.08 16.98
C GLN A 133 11.77 3.04 17.34
N GLU A 134 11.29 3.00 18.58
CA GLU A 134 10.31 4.00 19.08
C GLU A 134 11.05 5.33 19.23
N GLN A 135 10.39 6.43 18.87
CA GLN A 135 10.98 7.79 18.87
C GLN A 135 10.26 8.58 19.96
N GLU A 136 10.85 9.66 20.48
CA GLU A 136 10.29 10.50 21.58
C GLU A 136 9.40 11.60 21.00
N ALA A 137 8.38 11.22 20.21
CA ALA A 137 7.28 12.11 19.75
C ALA A 137 5.99 11.28 19.68
N ALA A 138 4.88 11.91 20.05
CA ALA A 138 3.55 11.28 19.94
C ALA A 138 3.27 11.00 18.46
N LYS A 139 2.81 9.78 18.19
CA LYS A 139 2.27 9.38 16.86
C LYS A 139 0.97 10.14 16.62
N LYS A 140 0.83 10.75 15.45
CA LYS A 140 -0.42 11.47 15.06
C LYS A 140 -1.31 10.51 14.28
N PHE A 141 -2.61 10.51 14.58
CA PHE A 141 -3.64 9.73 13.87
C PHE A 141 -4.67 10.67 13.27
N ILE A 142 -5.12 10.34 12.06
CA ILE A 142 -6.35 10.90 11.45
C ILE A 142 -7.53 10.06 11.94
N ARG A 143 -8.46 10.65 12.70
CA ARG A 143 -9.71 9.98 13.14
C ARG A 143 -10.87 10.43 12.24
N ILE A 144 -11.52 9.51 11.54
CA ILE A 144 -12.74 9.75 10.72
C ILE A 144 -13.89 10.10 11.67
N LYS A 145 -14.56 11.23 11.47
CA LYS A 145 -15.67 11.74 12.31
C LYS A 145 -16.99 11.66 11.54
N ARG A 146 -16.92 11.69 10.20
CA ARG A 146 -18.10 11.65 9.30
C ARG A 146 -17.85 10.64 8.18
N GLU A 147 -18.90 9.99 7.74
CA GLU A 147 -18.88 9.13 6.54
C GLU A 147 -18.44 10.00 5.37
N VAL A 148 -17.46 9.52 4.62
CA VAL A 148 -17.03 10.16 3.35
C VAL A 148 -17.07 9.08 2.29
N SER A 149 -17.80 9.28 1.21
CA SER A 149 -17.96 8.26 0.17
C SER A 149 -17.73 8.89 -1.20
N VAL A 150 -17.07 8.17 -2.10
CA VAL A 150 -17.01 8.55 -3.54
C VAL A 150 -17.50 7.36 -4.32
N GLU A 151 -18.11 7.65 -5.47
CA GLU A 151 -18.65 6.65 -6.41
C GLU A 151 -18.32 7.13 -7.81
N GLU A 152 -18.11 6.19 -8.71
CA GLU A 152 -18.02 6.46 -10.17
C GLU A 152 -18.47 5.16 -10.84
N GLY A 153 -19.46 5.25 -11.74
CA GLY A 153 -20.05 4.04 -12.37
C GLY A 153 -20.47 3.08 -11.28
N ASP A 154 -20.05 1.82 -11.36
CA ASP A 154 -20.47 0.76 -10.41
C ASP A 154 -19.47 0.66 -9.24
N LYS A 155 -18.54 1.59 -9.12
CA LYS A 155 -17.45 1.48 -8.14
C LYS A 155 -17.75 2.43 -6.98
N ARG A 156 -17.29 2.09 -5.80
CA ARG A 156 -17.56 2.89 -4.60
C ARG A 156 -16.46 2.63 -3.59
N ALA A 157 -16.14 3.67 -2.83
CA ALA A 157 -15.12 3.67 -1.79
C ALA A 157 -15.62 4.59 -0.70
N VAL A 158 -15.47 4.18 0.55
CA VAL A 158 -16.05 4.90 1.70
C VAL A 158 -15.12 4.81 2.88
N PHE A 159 -15.10 5.87 3.66
CA PHE A 159 -14.63 5.92 5.06
C PHE A 159 -15.88 6.07 5.94
N VAL A 160 -15.95 5.27 7.01
CA VAL A 160 -16.97 5.28 8.08
C VAL A 160 -16.24 5.44 9.41
N PRO A 161 -16.75 6.24 10.37
CA PRO A 161 -16.16 6.29 11.70
C PRO A 161 -16.20 4.90 12.34
N PHE A 162 -15.10 4.55 12.97
CA PHE A 162 -14.93 3.23 13.59
C PHE A 162 -13.80 3.34 14.61
N ASP A 163 -14.05 2.86 15.83
CA ASP A 163 -13.07 2.99 16.94
C ASP A 163 -12.05 1.85 16.81
N GLY A 164 -11.17 1.97 15.80
CA GLY A 164 -10.11 1.02 15.46
C GLY A 164 -9.66 1.25 14.04
N PHE A 165 -9.09 0.23 13.40
CA PHE A 165 -8.80 0.29 11.96
C PHE A 165 -9.25 -1.01 11.31
N LYS A 166 -10.05 -0.90 10.24
CA LYS A 166 -10.46 -2.12 9.51
C LYS A 166 -10.78 -1.77 8.05
N VAL A 167 -10.63 -2.78 7.20
CA VAL A 167 -10.77 -2.70 5.72
C VAL A 167 -11.69 -3.85 5.30
N SER A 168 -12.73 -3.48 4.56
CA SER A 168 -13.69 -4.39 3.89
C SER A 168 -13.57 -4.13 2.40
N PHE A 169 -13.62 -5.18 1.61
CA PHE A 169 -13.46 -5.04 0.14
C PHE A 169 -14.26 -6.15 -0.54
N GLU A 170 -14.80 -5.80 -1.70
CA GLU A 170 -15.55 -6.76 -2.52
C GLU A 170 -15.18 -6.53 -3.97
N ILE A 171 -14.89 -7.60 -4.68
CA ILE A 171 -14.63 -7.53 -6.15
C ILE A 171 -15.63 -8.44 -6.86
N ASP A 172 -15.77 -8.27 -8.17
CA ASP A 172 -16.82 -8.98 -8.92
C ASP A 172 -16.34 -9.19 -10.37
N PHE A 173 -15.49 -10.18 -10.56
CA PHE A 173 -15.10 -10.66 -11.91
C PHE A 173 -16.01 -11.81 -12.30
N ASP A 174 -16.68 -11.65 -13.44
CA ASP A 174 -17.40 -12.72 -14.19
C ASP A 174 -16.32 -13.60 -14.82
N HIS A 175 -15.74 -14.47 -14.02
CA HIS A 175 -14.59 -15.35 -14.39
C HIS A 175 -14.71 -16.64 -13.59
N PRO A 176 -14.47 -17.81 -14.23
CA PRO A 176 -14.59 -19.10 -13.56
C PRO A 176 -13.79 -19.22 -12.24
N VAL A 177 -12.66 -18.54 -12.11
CA VAL A 177 -11.81 -18.61 -10.88
C VAL A 177 -12.60 -18.08 -9.67
N PHE A 178 -13.64 -17.28 -9.88
CA PHE A 178 -14.57 -16.76 -8.83
C PHE A 178 -15.88 -17.56 -8.91
N THR A 182 -14.22 -16.73 -3.00
CA THR A 182 -15.03 -15.59 -2.47
C THR A 182 -14.41 -14.27 -2.94
N GLN A 183 -15.28 -13.30 -3.24
CA GLN A 183 -14.90 -11.97 -3.77
C GLN A 183 -15.12 -10.91 -2.69
N GLN A 184 -15.36 -11.28 -1.43
CA GLN A 184 -15.58 -10.35 -0.30
C GLN A 184 -14.69 -10.72 0.89
N ALA A 185 -14.12 -9.75 1.59
CA ALA A 185 -13.41 -9.96 2.86
C ALA A 185 -13.44 -8.68 3.71
N SER A 186 -13.35 -8.84 5.02
CA SER A 186 -13.31 -7.76 6.01
C SER A 186 -12.27 -8.16 7.04
N VAL A 187 -11.35 -7.26 7.36
CA VAL A 187 -10.31 -7.58 8.36
C VAL A 187 -10.27 -6.41 9.33
N ASP A 188 -10.33 -6.73 10.62
CA ASP A 188 -10.14 -5.78 11.74
C ASP A 188 -8.71 -5.97 12.24
N PHE A 189 -7.86 -4.96 12.04
CA PHE A 189 -6.40 -5.11 12.21
C PHE A 189 -6.03 -5.02 13.69
N SER A 190 -6.97 -4.75 14.59
CA SER A 190 -6.71 -4.83 16.04
C SER A 190 -6.87 -6.26 16.56
N SER A 191 -7.54 -7.16 15.83
CA SER A 191 -7.80 -8.54 16.32
C SER A 191 -7.22 -9.59 15.37
N THR A 192 -6.86 -9.18 14.16
CA THR A 192 -6.33 -10.04 13.08
C THR A 192 -5.00 -9.46 12.64
N SER A 193 -3.97 -10.29 12.46
CA SER A 193 -2.61 -9.92 12.00
C SER A 193 -2.62 -9.53 10.51
N PHE A 194 -2.11 -8.34 10.18
CA PHE A 194 -1.80 -7.92 8.78
C PHE A 194 -0.77 -8.88 8.18
N VAL A 195 0.25 -9.20 8.97
CA VAL A 195 1.35 -10.10 8.54
C VAL A 195 0.76 -11.42 8.07
N LYS A 196 -0.06 -12.10 8.90
CA LYS A 196 -0.52 -13.50 8.64
C LYS A 196 -1.65 -13.52 7.61
N GLU A 197 -2.60 -12.60 7.70
CA GLU A 197 -3.88 -12.68 6.95
C GLU A 197 -3.82 -11.91 5.63
N VAL A 198 -3.00 -10.85 5.52
CA VAL A 198 -3.03 -9.98 4.30
C VAL A 198 -1.68 -9.90 3.58
N SER A 199 -0.55 -9.83 4.31
CA SER A 199 0.78 -9.44 3.75
C SER A 199 1.19 -10.35 2.57
N ARG A 200 0.80 -11.64 2.55
CA ARG A 200 1.31 -12.63 1.57
C ARG A 200 0.44 -12.61 0.29
N ALA A 201 -0.58 -11.76 0.24
CA ALA A 201 -1.52 -11.74 -0.91
C ALA A 201 -0.86 -11.07 -2.10
N ARG A 202 -0.76 -11.81 -3.20
CA ARG A 202 0.02 -11.39 -4.39
C ARG A 202 -0.91 -10.70 -5.40
N THR A 203 -0.34 -9.73 -6.11
CA THR A 203 -0.94 -9.08 -7.31
C THR A 203 -1.33 -10.19 -8.29
N PHE A 204 -2.17 -9.87 -9.26
CA PHE A 204 -2.68 -10.86 -10.22
C PHE A 204 -2.89 -10.19 -11.56
N GLY A 205 -2.89 -11.01 -12.61
CA GLY A 205 -3.08 -10.56 -14.00
C GLY A 205 -3.77 -11.62 -14.82
N PHE A 206 -4.73 -11.17 -15.63
CA PHE A 206 -5.50 -11.99 -16.59
C PHE A 206 -4.69 -12.03 -17.88
N MET A 207 -4.50 -13.22 -18.43
CA MET A 207 -3.71 -13.47 -19.67
C MET A 207 -4.04 -12.42 -20.75
N ARG A 208 -5.30 -12.02 -20.94
CA ARG A 208 -5.66 -11.11 -22.07
C ARG A 208 -5.25 -9.67 -21.73
N ASP A 209 -5.25 -9.27 -20.46
CA ASP A 209 -4.71 -7.96 -20.00
C ASP A 209 -3.19 -7.94 -20.16
N ILE A 210 -2.53 -9.03 -19.72
CA ILE A 210 -1.05 -9.18 -19.80
C ILE A 210 -0.63 -9.03 -21.27
N GLU A 211 -1.34 -9.68 -22.19
CA GLU A 211 -0.98 -9.64 -23.64
C GLU A 211 -1.05 -8.18 -24.10
N TYR A 212 -2.07 -7.43 -23.69
CA TYR A 212 -2.28 -6.01 -24.07
C TYR A 212 -1.28 -5.08 -23.36
N LEU A 213 -0.99 -5.30 -22.06
CA LEU A 213 -0.03 -4.47 -21.30
C LEU A 213 1.39 -4.56 -21.90
N ARG A 214 1.87 -5.75 -22.25
CA ARG A 214 3.19 -5.98 -22.89
C ARG A 214 3.28 -5.09 -24.12
N SER A 215 2.23 -5.14 -24.95
CA SER A 215 2.16 -4.43 -26.26
C SER A 215 2.26 -2.91 -26.01
N GLN A 216 1.98 -2.42 -24.80
CA GLN A 216 2.17 -1.00 -24.39
C GLN A 216 3.37 -0.85 -23.44
N ASN A 217 4.34 -1.76 -23.48
CA ASN A 217 5.58 -1.73 -22.66
C ASN A 217 5.24 -1.52 -21.17
N LEU A 218 4.27 -2.30 -20.67
CA LEU A 218 3.92 -2.42 -19.23
C LEU A 218 3.98 -3.89 -18.85
N ALA A 219 4.01 -4.19 -17.55
CA ALA A 219 4.20 -5.55 -17.01
C ALA A 219 5.46 -6.19 -17.60
N LEU A 220 6.48 -5.40 -17.95
CA LEU A 220 7.74 -5.94 -18.52
C LEU A 220 8.44 -6.82 -17.47
N GLY A 221 8.23 -6.54 -16.18
CA GLY A 221 8.83 -7.32 -15.09
C GLY A 221 7.94 -8.45 -14.61
N GLY A 222 6.78 -8.67 -15.22
CA GLY A 222 5.79 -9.65 -14.71
C GLY A 222 6.24 -11.08 -14.92
N SER A 223 5.94 -11.99 -13.99
CA SER A 223 6.12 -13.46 -14.18
C SER A 223 5.37 -14.21 -13.09
N VAL A 224 5.24 -15.54 -13.23
CA VAL A 224 4.61 -16.41 -12.21
C VAL A 224 5.42 -16.34 -10.91
N GLU A 225 6.64 -15.79 -10.94
CA GLU A 225 7.49 -15.58 -9.73
C GLU A 225 6.96 -14.39 -8.93
N ASN A 226 6.18 -13.49 -9.53
CA ASN A 226 5.80 -12.24 -8.82
C ASN A 226 4.30 -11.94 -8.97
N ALA A 227 3.52 -12.85 -9.55
CA ALA A 227 2.09 -12.61 -9.86
C ALA A 227 1.33 -13.94 -10.02
N ILE A 228 0.06 -13.92 -9.59
CA ILE A 228 -0.95 -14.93 -9.94
C ILE A 228 -1.34 -14.64 -11.40
N VAL A 229 -1.00 -15.55 -12.31
CA VAL A 229 -1.38 -15.47 -13.74
C VAL A 229 -2.63 -16.32 -13.92
N VAL A 230 -3.71 -15.70 -14.41
CA VAL A 230 -5.03 -16.35 -14.59
C VAL A 230 -5.32 -16.42 -16.09
N ASP A 231 -5.62 -17.59 -16.65
CA ASP A 231 -6.17 -17.62 -18.03
C ASP A 231 -7.69 -17.53 -17.93
N GLU A 232 -8.39 -18.00 -18.96
CA GLU A 232 -9.87 -17.92 -19.02
C GLU A 232 -10.48 -18.79 -17.89
N ASN A 233 -9.76 -19.81 -17.40
CA ASN A 233 -10.37 -20.81 -16.48
C ASN A 233 -9.67 -20.90 -15.13
N ARG A 234 -8.35 -20.80 -15.07
CA ARG A 234 -7.64 -21.21 -13.83
C ARG A 234 -6.34 -20.43 -13.64
N VAL A 235 -5.87 -20.47 -12.42
CA VAL A 235 -4.54 -19.99 -12.01
C VAL A 235 -3.53 -20.88 -12.73
N LEU A 236 -2.57 -20.29 -13.44
CA LEU A 236 -1.51 -21.05 -14.15
C LEU A 236 -0.33 -21.34 -13.20
N ASN A 237 -0.16 -20.57 -12.12
CA ASN A 237 0.92 -20.83 -11.12
C ASN A 237 0.85 -22.29 -10.67
N GLU A 238 1.94 -23.03 -10.85
CA GLU A 238 2.13 -24.45 -10.44
C GLU A 238 1.61 -24.66 -9.01
N ASP A 239 2.06 -23.84 -8.05
CA ASP A 239 1.82 -24.06 -6.59
C ASP A 239 0.53 -23.37 -6.13
N GLY A 240 -0.29 -22.80 -7.03
CA GLY A 240 -1.66 -22.34 -6.71
C GLY A 240 -1.70 -21.05 -5.87
N LEU A 241 -2.78 -20.85 -5.11
CA LEU A 241 -3.02 -19.64 -4.29
C LEU A 241 -2.48 -19.82 -2.86
N ARG A 242 -2.22 -18.72 -2.17
CA ARG A 242 -1.79 -18.71 -0.74
C ARG A 242 -3.00 -18.60 0.19
N TYR A 243 -4.11 -18.06 -0.34
CA TYR A 243 -5.36 -17.81 0.40
C TYR A 243 -6.50 -18.18 -0.53
N GLU A 244 -7.57 -18.79 -0.01
CA GLU A 244 -8.81 -19.07 -0.80
C GLU A 244 -9.24 -17.77 -1.49
N ASP A 245 -9.10 -16.65 -0.77
CA ASP A 245 -9.57 -15.29 -1.15
C ASP A 245 -8.36 -14.37 -1.44
N GLU A 246 -7.29 -14.90 -2.05
CA GLU A 246 -6.04 -14.13 -2.31
C GLU A 246 -6.37 -12.84 -3.10
N PHE A 247 -7.19 -12.91 -4.15
CA PHE A 247 -7.43 -11.73 -5.02
C PHE A 247 -7.96 -10.56 -4.19
N VAL A 248 -9.04 -10.76 -3.43
CA VAL A 248 -9.66 -9.66 -2.67
C VAL A 248 -8.70 -9.29 -1.52
N LYS A 249 -7.95 -10.25 -0.99
CA LYS A 249 -6.98 -9.93 0.10
C LYS A 249 -5.89 -8.99 -0.47
N HIS A 250 -5.49 -9.17 -1.73
CA HIS A 250 -4.53 -8.27 -2.39
C HIS A 250 -5.12 -6.85 -2.60
N LYS A 251 -6.41 -6.76 -2.94
CA LYS A 251 -7.10 -5.45 -3.05
C LYS A 251 -7.05 -4.75 -1.68
N ILE A 252 -7.15 -5.50 -0.60
CA ILE A 252 -7.10 -4.89 0.76
C ILE A 252 -5.69 -4.33 0.98
N LEU A 253 -4.69 -5.13 0.58
CA LEU A 253 -3.26 -4.78 0.73
C LEU A 253 -2.99 -3.49 -0.06
N ASP A 254 -3.45 -3.41 -1.31
CA ASP A 254 -3.37 -2.21 -2.18
C ASP A 254 -3.99 -0.99 -1.47
N ALA A 255 -5.20 -1.15 -0.92
CA ALA A 255 -5.95 -0.06 -0.28
C ALA A 255 -5.16 0.47 0.92
N ILE A 256 -4.55 -0.43 1.68
CA ILE A 256 -3.83 -0.03 2.91
C ILE A 256 -2.63 0.84 2.51
N GLY A 257 -1.92 0.45 1.45
CA GLY A 257 -0.86 1.26 0.84
C GLY A 257 -1.33 2.65 0.41
N ASP A 258 -2.39 2.73 -0.40
CA ASP A 258 -3.02 4.02 -0.82
C ASP A 258 -3.40 4.83 0.41
N LEU A 259 -4.00 4.20 1.42
CA LEU A 259 -4.47 4.92 2.64
C LEU A 259 -3.27 5.57 3.34
N TYR A 260 -2.06 4.99 3.22
CA TYR A 260 -0.88 5.51 3.95
C TYR A 260 -0.41 6.83 3.32
N LEU A 261 -0.82 7.12 2.08
CA LEU A 261 -0.57 8.44 1.43
C LEU A 261 -1.27 9.59 2.19
N LEU A 262 -2.21 9.31 3.11
CA LEU A 262 -2.78 10.40 3.96
C LEU A 262 -1.68 10.99 4.84
N GLY A 263 -0.59 10.27 5.10
CA GLY A 263 0.56 10.79 5.85
C GLY A 263 0.42 10.59 7.35
N ASN A 264 -0.73 10.12 7.83
CA ASN A 264 -0.88 9.65 9.23
C ASN A 264 -1.68 8.34 9.23
N SER A 265 -1.56 7.55 10.28
CA SER A 265 -2.39 6.33 10.49
C SER A 265 -3.85 6.74 10.71
N LEU A 266 -4.74 5.86 10.29
CA LEU A 266 -6.19 6.12 10.26
C LEU A 266 -6.84 5.43 11.47
N ILE A 267 -7.80 6.09 12.09
CA ILE A 267 -8.75 5.44 13.02
C ILE A 267 -10.09 5.54 12.33
N GLY A 268 -10.60 4.42 11.89
CA GLY A 268 -11.78 4.38 11.01
C GLY A 268 -11.82 3.11 10.21
N GLU A 269 -12.74 3.06 9.27
CA GLU A 269 -13.05 1.85 8.48
C GLU A 269 -13.07 2.31 7.04
N PHE A 270 -12.38 1.57 6.16
CA PHE A 270 -12.43 1.72 4.69
C PHE A 270 -13.27 0.58 4.14
N ARG A 271 -14.21 0.88 3.26
CA ARG A 271 -14.98 -0.13 2.51
C ARG A 271 -14.79 0.18 1.03
N GLY A 272 -14.48 -0.83 0.24
CA GLY A 272 -14.33 -0.67 -1.21
C GLY A 272 -15.19 -1.66 -1.95
N PHE A 273 -15.81 -1.22 -3.03
CA PHE A 273 -16.58 -2.07 -3.96
C PHE A 273 -16.07 -1.80 -5.38
N LYS A 274 -15.30 -2.74 -5.92
CA LYS A 274 -14.67 -2.67 -7.27
C LYS A 274 -13.75 -1.45 -7.34
N SER A 275 -13.29 -0.94 -6.20
CA SER A 275 -12.45 0.28 -6.11
C SER A 275 -11.00 -0.09 -6.52
N GLY A 276 -10.20 0.91 -6.82
CA GLY A 276 -8.79 0.77 -7.27
C GLY A 276 -8.07 2.07 -6.97
N HIS A 277 -6.84 2.23 -7.47
CA HIS A 277 -5.95 3.38 -7.15
C HIS A 277 -6.66 4.70 -7.46
N ALA A 278 -7.30 4.79 -8.63
CA ALA A 278 -7.96 6.03 -9.13
C ALA A 278 -9.08 6.47 -8.16
N LEU A 279 -10.02 5.58 -7.82
CA LEU A 279 -11.13 5.96 -6.92
C LEU A 279 -10.61 6.06 -5.48
N ASN A 280 -9.63 5.24 -5.08
CA ASN A 280 -9.04 5.32 -3.71
C ASN A 280 -8.45 6.72 -3.54
N ASN A 281 -7.68 7.18 -4.54
CA ASN A 281 -7.04 8.51 -4.50
C ASN A 281 -8.12 9.60 -4.42
N GLN A 282 -9.18 9.51 -5.24
CA GLN A 282 -10.37 10.41 -5.17
C GLN A 282 -10.88 10.45 -3.73
N LEU A 283 -10.97 9.30 -3.05
CA LEU A 283 -11.52 9.26 -1.67
C LEU A 283 -10.59 10.02 -0.73
N LEU A 284 -9.28 9.80 -0.86
CA LEU A 284 -8.23 10.42 -0.02
C LEU A 284 -8.34 11.94 -0.15
N ARG A 285 -8.46 12.42 -1.39
CA ARG A 285 -8.52 13.87 -1.73
C ARG A 285 -9.83 14.43 -1.14
N THR A 286 -10.91 13.66 -1.23
CA THR A 286 -12.23 14.13 -0.73
C THR A 286 -12.16 14.19 0.80
N LEU A 287 -11.59 13.18 1.45
CA LEU A 287 -11.46 13.20 2.92
C LEU A 287 -10.66 14.43 3.33
N ILE A 288 -9.45 14.59 2.80
CA ILE A 288 -8.54 15.73 3.13
C ILE A 288 -9.30 17.06 2.95
N ALA A 289 -10.00 17.22 1.84
CA ALA A 289 -10.76 18.45 1.48
C ALA A 289 -11.88 18.74 2.50
N ASP A 290 -12.57 17.73 3.02
CA ASP A 290 -13.67 17.94 4.01
C ASP A 290 -13.11 17.86 5.44
N LYS A 291 -12.58 18.97 5.95
CA LYS A 291 -11.92 19.05 7.28
C LYS A 291 -12.94 18.84 8.41
N ASP A 292 -14.24 18.98 8.15
CA ASP A 292 -15.30 18.69 9.15
C ASP A 292 -15.39 17.16 9.38
N ALA A 293 -14.93 16.34 8.44
CA ALA A 293 -15.08 14.88 8.48
C ALA A 293 -13.94 14.22 9.28
N TRP A 294 -12.85 14.92 9.60
CA TRP A 294 -11.74 14.26 10.34
C TRP A 294 -11.09 15.22 11.33
N GLU A 295 -10.32 14.64 12.25
CA GLU A 295 -9.46 15.37 13.21
C GLU A 295 -8.13 14.62 13.33
N VAL A 296 -7.06 15.32 13.64
CA VAL A 296 -5.77 14.71 14.04
C VAL A 296 -5.79 14.52 15.55
N VAL A 297 -5.43 13.32 16.02
CA VAL A 297 -5.44 12.95 17.47
C VAL A 297 -4.15 12.19 17.81
N THR A 298 -3.77 12.28 19.09
CA THR A 298 -2.63 11.55 19.71
C THR A 298 -3.20 10.78 20.90
N PHE A 299 -2.43 9.86 21.47
CA PHE A 299 -2.87 9.00 22.60
C PHE A 299 -1.80 8.99 23.68
N GLU A 300 -2.13 9.58 24.83
CA GLU A 300 -1.30 9.59 26.06
C GLU A 300 -1.16 8.16 26.59
N ASP A 301 -2.05 7.22 26.24
CA ASP A 301 -2.09 5.87 26.86
C ASP A 301 -2.55 4.80 25.86
N ALA A 302 -1.62 3.99 25.36
CA ALA A 302 -1.88 2.86 24.42
C ALA A 302 -2.92 1.89 25.01
N ARG A 303 -2.99 1.80 26.34
CA ARG A 303 -3.86 0.84 27.07
C ARG A 303 -5.35 1.21 26.90
N THR A 304 -5.68 2.47 26.66
CA THR A 304 -7.08 2.90 26.46
C THR A 304 -7.38 3.24 24.99
N ALA A 305 -6.42 3.13 24.07
CA ALA A 305 -6.54 3.67 22.69
C ALA A 305 -7.39 2.75 21.83
N PRO A 306 -8.04 3.26 20.77
CA PRO A 306 -8.91 2.42 19.93
C PRO A 306 -8.24 1.31 19.11
N ILE A 307 -6.92 1.26 18.99
CA ILE A 307 -6.21 0.14 18.29
C ILE A 307 -5.22 -0.51 19.25
#